data_7C1U
#
_entry.id   7C1U
#
_cell.length_a   52.564
_cell.length_b   58.784
_cell.length_c   134.058
_cell.angle_alpha   90.000
_cell.angle_beta   90.000
_cell.angle_gamma   90.000
#
_symmetry.space_group_name_H-M   'P 21 21 21'
#
loop_
_entity.id
_entity.type
_entity.pdbx_description
1 polymer 'Non-ribosomal peptide synthetase modules'
2 water water
#
_entity_poly.entity_id   1
_entity_poly.type   'polypeptide(L)'
_entity_poly.pdbx_seq_one_letter_code
;GSHMDASVMSTTYALSAAQTEIWLAQQLYPDSPVYNIAQYTVIEGVIEPAVFEAALRQVIDEADTLRLQFIDSDDGLRQR
IGTPAWSMPVLDLTAQADPQAAAQAWMRADYQQPVNLTQGPLFCYALLKVAPAQWMWYQRYHVIMMDGYGAYLIAQRVAY
VYSALCEGTTPAECDFGSILQLLESDAQYQISAQRAQDEAYWLKHCANWSEPATLASRSAPVLQQRLRQTTYLAIQALGD
TAPDARRLAQFMTAAMAAYLYRFTGEQDVVLGLPVKVRFGADRHIPGMKSNTLPLRLTMRPGMNLSSLMQQAAQEMQSGL
RHQRYPSEALRRQLGMPSGQRLFGTTVNVMPFDLDLSFGGYSATNHNLLNGPAEDLMLGVYWTPGSHQLRIDFDANPACY
TPEGLGAHQRRFIRFMQVLAADATQPIDSIDLLD
;
_entity_poly.pdbx_strand_id   A
#
# COMPACT_ATOMS: atom_id res chain seq x y z
N GLY A 1 -3.96 -39.83 -1.86
CA GLY A 1 -4.33 -40.56 -0.67
C GLY A 1 -4.52 -39.63 0.51
N SER A 2 -5.17 -40.15 1.55
CA SER A 2 -5.56 -39.29 2.66
C SER A 2 -4.32 -38.72 3.36
N HIS A 3 -3.17 -39.41 3.29
CA HIS A 3 -1.98 -38.89 3.95
C HIS A 3 -1.54 -37.59 3.30
N MET A 4 -1.67 -37.49 1.98
CA MET A 4 -1.29 -36.26 1.31
C MET A 4 -2.23 -35.12 1.66
N ASP A 5 -3.55 -35.41 1.72
CA ASP A 5 -4.50 -34.37 2.10
C ASP A 5 -4.23 -33.89 3.54
N ALA A 6 -3.99 -34.81 4.46
CA ALA A 6 -3.74 -34.40 5.83
C ALA A 6 -2.51 -33.53 5.96
N SER A 7 -1.43 -33.88 5.22
CA SER A 7 -0.15 -33.16 5.28
C SER A 7 -0.27 -31.74 4.76
N VAL A 8 -1.05 -31.53 3.70
CA VAL A 8 -1.21 -30.17 3.20
C VAL A 8 -1.90 -29.31 4.25
N MET A 9 -2.86 -29.88 4.98
CA MET A 9 -3.57 -29.07 5.97
C MET A 9 -2.70 -28.84 7.20
N SER A 10 -1.98 -29.87 7.63
CA SER A 10 -1.24 -29.74 8.89
C SER A 10 0.01 -28.89 8.75
N THR A 11 0.58 -28.76 7.56
CA THR A 11 1.81 -27.98 7.38
C THR A 11 1.52 -26.53 7.01
N THR A 12 0.27 -26.12 6.89
CA THR A 12 -0.08 -24.82 6.35
C THR A 12 -0.89 -24.03 7.36
N TYR A 13 -1.05 -22.76 7.07
CA TYR A 13 -1.95 -21.86 7.77
C TYR A 13 -3.02 -21.42 6.79
N ALA A 14 -4.17 -21.02 7.34
CA ALA A 14 -5.20 -20.40 6.53
C ALA A 14 -4.74 -19.03 6.02
N LEU A 15 -5.38 -18.58 4.96
CA LEU A 15 -5.27 -17.19 4.58
C LEU A 15 -5.96 -16.28 5.63
N SER A 16 -5.43 -15.06 5.77
CA SER A 16 -6.10 -14.06 6.55
C SER A 16 -7.39 -13.67 5.84
N ALA A 17 -8.24 -12.91 6.54
CA ALA A 17 -9.42 -12.37 5.87
C ALA A 17 -9.07 -11.52 4.66
N ALA A 18 -8.10 -10.62 4.80
CA ALA A 18 -7.70 -9.78 3.65
C ALA A 18 -7.11 -10.64 2.55
N GLN A 19 -6.28 -11.61 2.89
CA GLN A 19 -5.71 -12.47 1.83
C GLN A 19 -6.80 -13.27 1.16
N THR A 20 -7.82 -13.66 1.91
CA THR A 20 -8.93 -14.40 1.34
C THR A 20 -9.64 -13.59 0.28
N GLU A 21 -9.86 -12.39 0.50
CA GLU A 21 -10.60 -11.65 -0.52
C GLU A 21 -9.73 -11.37 -1.74
N ILE A 22 -8.40 -11.21 -1.51
CA ILE A 22 -7.50 -11.13 -2.66
C ILE A 22 -7.55 -12.42 -3.46
N TRP A 23 -7.41 -13.56 -2.78
CA TRP A 23 -7.45 -14.85 -3.47
C TRP A 23 -8.77 -15.06 -4.20
N LEU A 24 -9.92 -14.74 -3.55
CA LEU A 24 -11.19 -14.92 -4.24
C LEU A 24 -11.27 -14.03 -5.47
N ALA A 25 -10.75 -12.81 -5.38
CA ALA A 25 -10.82 -11.95 -6.55
C ALA A 25 -9.89 -12.43 -7.67
N GLN A 26 -8.70 -12.88 -7.31
CA GLN A 26 -7.77 -13.40 -8.30
C GLN A 26 -8.33 -14.65 -8.96
N GLN A 27 -9.08 -15.47 -8.21
CA GLN A 27 -9.68 -16.64 -8.81
C GLN A 27 -10.78 -16.27 -9.82
N LEU A 28 -11.53 -15.21 -9.52
CA LEU A 28 -12.57 -14.74 -10.43
C LEU A 28 -11.97 -14.16 -11.71
N TYR A 29 -10.75 -13.60 -11.62
CA TYR A 29 -10.05 -12.96 -12.73
C TYR A 29 -8.66 -13.56 -12.85
N PRO A 30 -8.56 -14.81 -13.29
CA PRO A 30 -7.26 -15.51 -13.24
C PRO A 30 -6.20 -14.92 -14.14
N ASP A 31 -6.59 -14.23 -15.21
CA ASP A 31 -5.64 -13.61 -16.12
C ASP A 31 -5.39 -12.16 -15.81
N SER A 32 -5.96 -11.65 -14.73
CA SER A 32 -5.81 -10.22 -14.50
C SER A 32 -4.55 -9.95 -13.66
N PRO A 33 -3.77 -8.90 -14.03
CA PRO A 33 -2.58 -8.54 -13.24
C PRO A 33 -2.86 -7.45 -12.22
N VAL A 34 -4.14 -7.19 -11.89
CA VAL A 34 -4.43 -6.03 -11.05
C VAL A 34 -3.95 -6.23 -9.62
N TYR A 35 -3.54 -7.44 -9.21
CA TYR A 35 -3.07 -7.68 -7.86
C TYR A 35 -1.57 -7.56 -7.74
N ASN A 36 -0.91 -7.02 -8.76
CA ASN A 36 0.53 -6.81 -8.65
C ASN A 36 0.84 -5.50 -7.94
N ILE A 37 1.96 -5.47 -7.24
CA ILE A 37 2.51 -4.25 -6.70
C ILE A 37 3.96 -4.21 -7.15
N ALA A 38 4.42 -3.04 -7.54
CA ALA A 38 5.78 -2.97 -8.10
C ALA A 38 6.37 -1.58 -7.94
N GLN A 39 7.69 -1.54 -7.84
CA GLN A 39 8.42 -0.28 -7.72
C GLN A 39 9.77 -0.48 -8.39
N TYR A 40 10.43 0.63 -8.64
CA TYR A 40 11.83 0.54 -9.01
C TYR A 40 12.66 1.52 -8.20
N THR A 41 13.93 1.16 -8.03
CA THR A 41 14.87 1.97 -7.28
C THR A 41 15.95 2.39 -8.25
N VAL A 42 16.16 3.72 -8.40
CA VAL A 42 17.20 4.26 -9.28
C VAL A 42 18.44 4.49 -8.47
N ILE A 43 19.52 3.82 -8.88
CA ILE A 43 20.83 3.95 -8.18
C ILE A 43 21.76 4.77 -9.07
N GLU A 44 22.22 5.86 -8.49
CA GLU A 44 23.15 6.82 -9.16
C GLU A 44 24.58 6.38 -8.87
N GLY A 45 24.95 5.30 -9.53
CA GLY A 45 26.30 4.77 -9.31
C GLY A 45 26.48 3.43 -9.99
N VAL A 46 27.57 2.80 -9.61
CA VAL A 46 27.91 1.48 -10.15
C VAL A 46 27.32 0.44 -9.23
N ILE A 47 26.66 -0.54 -9.82
CA ILE A 47 26.23 -1.72 -9.08
C ILE A 47 27.00 -2.91 -9.63
N GLU A 48 27.43 -3.78 -8.72
CA GLU A 48 28.07 -5.02 -9.13
C GLU A 48 27.03 -6.14 -9.01
N PRO A 49 26.53 -6.70 -10.13
CA PRO A 49 25.39 -7.64 -10.03
C PRO A 49 25.62 -8.82 -9.13
N ALA A 50 26.81 -9.43 -9.13
CA ALA A 50 26.97 -10.62 -8.29
C ALA A 50 26.82 -10.29 -6.81
N VAL A 51 27.30 -9.12 -6.39
CA VAL A 51 27.14 -8.70 -5.01
C VAL A 51 25.69 -8.37 -4.73
N PHE A 52 25.03 -7.71 -5.69
CA PHE A 52 23.61 -7.41 -5.55
C PHE A 52 22.79 -8.68 -5.37
N GLU A 53 23.07 -9.72 -6.16
CA GLU A 53 22.32 -10.95 -6.05
C GLU A 53 22.54 -11.63 -4.72
N ALA A 54 23.77 -11.55 -4.17
CA ALA A 54 24.04 -12.07 -2.85
C ALA A 54 23.24 -11.32 -1.79
N ALA A 55 23.10 -9.99 -1.93
CA ALA A 55 22.25 -9.22 -1.00
C ALA A 55 20.79 -9.63 -1.11
N LEU A 56 20.30 -9.85 -2.33
CA LEU A 56 18.92 -10.31 -2.50
C LEU A 56 18.73 -11.68 -1.84
N ARG A 57 19.68 -12.60 -2.03
CA ARG A 57 19.52 -13.93 -1.42
C ARG A 57 19.40 -13.80 0.08
N GLN A 58 20.20 -12.93 0.67
CA GLN A 58 20.12 -12.70 2.12
C GLN A 58 18.73 -12.21 2.52
N VAL A 59 18.20 -11.23 1.79
CA VAL A 59 16.91 -10.67 2.21
C VAL A 59 15.76 -11.64 1.93
N ILE A 60 15.92 -12.53 0.94
CA ILE A 60 14.94 -13.59 0.73
C ILE A 60 14.90 -14.56 1.90
N ASP A 61 16.02 -14.78 2.58
CA ASP A 61 15.97 -15.52 3.83
C ASP A 61 15.29 -14.72 4.94
N GLU A 62 15.67 -13.45 5.08
CA GLU A 62 15.23 -12.64 6.21
C GLU A 62 13.75 -12.32 6.16
N ALA A 63 13.27 -11.95 4.97
CA ALA A 63 11.85 -11.58 4.78
C ALA A 63 11.14 -12.79 4.21
N ASP A 64 10.75 -13.70 5.11
CA ASP A 64 10.30 -15.02 4.68
C ASP A 64 8.89 -15.01 4.06
N THR A 65 8.18 -13.87 4.07
CA THR A 65 7.01 -13.77 3.22
C THR A 65 7.37 -14.04 1.75
N LEU A 66 8.65 -13.74 1.38
CA LEU A 66 9.09 -13.95 -0.03
C LEU A 66 9.19 -15.41 -0.36
N ARG A 67 9.18 -16.29 0.63
CA ARG A 67 9.25 -17.74 0.38
C ARG A 67 7.93 -18.45 0.61
N LEU A 68 6.86 -17.74 1.00
CA LEU A 68 5.58 -18.41 1.20
C LEU A 68 5.13 -19.03 -0.12
N GLN A 69 4.67 -20.28 -0.03
CA GLN A 69 4.00 -20.99 -1.10
C GLN A 69 2.52 -21.10 -0.76
N PHE A 70 1.68 -20.99 -1.77
CA PHE A 70 0.24 -21.11 -1.62
C PHE A 70 -0.19 -22.40 -2.32
N ILE A 71 -1.01 -23.20 -1.63
CA ILE A 71 -1.45 -24.52 -2.09
C ILE A 71 -2.96 -24.60 -1.97
N ASP A 72 -3.61 -25.08 -3.02
CA ASP A 72 -5.05 -25.28 -2.98
C ASP A 72 -5.40 -26.45 -2.06
N SER A 73 -6.58 -26.35 -1.43
CA SER A 73 -7.13 -27.47 -0.65
C SER A 73 -8.65 -27.39 -0.72
N ASP A 74 -9.30 -28.40 -0.12
CA ASP A 74 -10.76 -28.40 0.00
C ASP A 74 -11.29 -27.25 0.86
N ASP A 75 -10.46 -26.70 1.74
CA ASP A 75 -10.86 -25.62 2.62
C ASP A 75 -10.28 -24.28 2.20
N GLY A 76 -9.96 -24.11 0.93
CA GLY A 76 -9.44 -22.85 0.43
C GLY A 76 -7.92 -22.86 0.32
N LEU A 77 -7.37 -21.75 -0.18
CA LEU A 77 -5.94 -21.64 -0.36
C LEU A 77 -5.22 -21.67 0.98
N ARG A 78 -4.11 -22.42 1.04
CA ARG A 78 -3.32 -22.62 2.25
C ARG A 78 -1.93 -22.07 2.02
N GLN A 79 -1.25 -21.66 3.09
CA GLN A 79 0.10 -21.09 2.91
C GLN A 79 1.11 -21.69 3.88
N ARG A 80 2.35 -21.83 3.42
CA ARG A 80 3.43 -22.29 4.26
C ARG A 80 4.74 -21.79 3.67
N ILE A 81 5.83 -21.89 4.44
CA ILE A 81 7.15 -21.59 3.86
C ILE A 81 7.47 -22.65 2.80
N GLY A 82 7.73 -22.20 1.59
CA GLY A 82 8.09 -23.08 0.51
C GLY A 82 9.55 -22.91 0.12
N THR A 83 9.90 -23.48 -1.04
CA THR A 83 11.30 -23.53 -1.49
C THR A 83 11.36 -23.09 -2.96
N PRO A 84 11.00 -21.87 -3.25
CA PRO A 84 11.06 -21.43 -4.65
C PRO A 84 12.49 -21.35 -5.15
N ALA A 85 12.67 -21.63 -6.41
CA ALA A 85 13.93 -21.35 -7.09
C ALA A 85 13.74 -20.07 -7.88
N TRP A 86 14.76 -19.23 -7.91
CA TRP A 86 14.58 -17.93 -8.57
C TRP A 86 15.90 -17.48 -9.15
N SER A 87 15.84 -16.49 -10.04
CA SER A 87 17.03 -15.86 -10.59
C SER A 87 16.77 -14.38 -10.78
N MET A 88 17.86 -13.62 -10.90
CA MET A 88 17.81 -12.17 -11.05
C MET A 88 18.28 -11.81 -12.44
N PRO A 89 17.38 -11.46 -13.36
CA PRO A 89 17.82 -10.97 -14.68
C PRO A 89 18.66 -9.72 -14.55
N VAL A 90 19.67 -9.63 -15.42
CA VAL A 90 20.51 -8.43 -15.56
C VAL A 90 20.42 -8.06 -17.03
N LEU A 91 19.94 -6.87 -17.31
CA LEU A 91 19.83 -6.39 -18.69
C LEU A 91 20.62 -5.12 -18.81
N ASP A 92 21.58 -5.11 -19.71
CA ASP A 92 22.31 -3.89 -20.01
C ASP A 92 21.61 -3.23 -21.19
N LEU A 93 20.93 -2.11 -20.93
CA LEU A 93 20.14 -1.42 -21.93
C LEU A 93 20.87 -0.20 -22.49
N THR A 94 22.18 -0.06 -22.19
CA THR A 94 22.87 1.19 -22.50
C THR A 94 23.08 1.39 -23.99
N ALA A 95 22.98 0.34 -24.79
CA ALA A 95 23.12 0.53 -26.23
C ALA A 95 21.79 0.75 -26.95
N GLN A 96 20.67 0.71 -26.23
CA GLN A 96 19.41 1.04 -26.87
C GLN A 96 19.36 2.51 -27.25
N ALA A 97 18.52 2.83 -28.24
CA ALA A 97 18.37 4.24 -28.64
C ALA A 97 17.90 5.11 -27.48
N ASP A 98 17.07 4.58 -26.58
CA ASP A 98 16.61 5.32 -25.39
C ASP A 98 16.58 4.32 -24.24
N PRO A 99 17.69 4.19 -23.49
CA PRO A 99 17.75 3.16 -22.44
C PRO A 99 16.70 3.35 -21.37
N GLN A 100 16.38 4.60 -21.01
CA GLN A 100 15.39 4.81 -19.96
C GLN A 100 14.01 4.34 -20.39
N ALA A 101 13.61 4.66 -21.62
CA ALA A 101 12.31 4.22 -22.10
C ALA A 101 12.28 2.72 -22.26
N ALA A 102 13.42 2.13 -22.65
CA ALA A 102 13.51 0.67 -22.72
C ALA A 102 13.36 0.00 -21.36
N ALA A 103 13.92 0.62 -20.31
CA ALA A 103 13.80 0.06 -18.96
C ALA A 103 12.35 0.13 -18.51
N GLN A 104 11.69 1.27 -18.74
CA GLN A 104 10.28 1.36 -18.36
C GLN A 104 9.45 0.31 -19.09
N ALA A 105 9.75 0.05 -20.37
CA ALA A 105 9.03 -0.95 -21.15
C ALA A 105 9.26 -2.36 -20.62
N TRP A 106 10.50 -2.67 -20.23
CA TRP A 106 10.81 -4.00 -19.68
C TRP A 106 10.02 -4.22 -18.40
N MET A 107 10.03 -3.22 -17.52
CA MET A 107 9.31 -3.31 -16.25
C MET A 107 7.82 -3.48 -16.50
N ARG A 108 7.26 -2.68 -17.41
CA ARG A 108 5.82 -2.76 -17.72
C ARG A 108 5.44 -4.14 -18.25
N ALA A 109 6.32 -4.73 -19.07
CA ALA A 109 6.02 -6.05 -19.61
C ALA A 109 5.89 -7.09 -18.49
N ASP A 110 6.67 -6.97 -17.43
CA ASP A 110 6.48 -7.83 -16.29
C ASP A 110 5.25 -7.46 -15.48
N TYR A 111 5.10 -6.18 -15.07
CA TYR A 111 4.03 -5.92 -14.11
C TYR A 111 2.64 -6.00 -14.72
N GLN A 112 2.52 -6.02 -16.05
CA GLN A 112 1.23 -6.21 -16.71
C GLN A 112 0.89 -7.68 -16.92
N GLN A 113 1.72 -8.59 -16.46
CA GLN A 113 1.46 -10.02 -16.60
C GLN A 113 0.94 -10.58 -15.28
N PRO A 114 -0.08 -11.44 -15.31
CA PRO A 114 -0.58 -12.05 -14.09
C PRO A 114 0.38 -13.09 -13.56
N VAL A 115 0.30 -13.33 -12.26
CA VAL A 115 0.98 -14.49 -11.71
C VAL A 115 -0.07 -15.54 -11.34
N ASN A 116 0.34 -16.81 -11.31
CA ASN A 116 -0.49 -17.88 -10.76
C ASN A 116 -0.04 -18.07 -9.31
N LEU A 117 -0.96 -17.93 -8.35
CA LEU A 117 -0.59 -17.94 -6.94
C LEU A 117 0.07 -19.26 -6.51
N THR A 118 -0.22 -20.35 -7.18
CA THR A 118 0.26 -21.65 -6.74
C THR A 118 1.57 -22.04 -7.42
N GLN A 119 2.08 -21.14 -8.20
CA GLN A 119 3.33 -21.36 -8.87
C GLN A 119 4.34 -20.20 -8.55
N GLY A 120 5.02 -20.29 -7.41
CA GLY A 120 5.99 -19.27 -6.95
C GLY A 120 7.33 -19.45 -7.62
N PRO A 121 8.23 -18.49 -7.42
CA PRO A 121 8.18 -17.32 -6.57
C PRO A 121 7.16 -16.31 -7.08
N LEU A 122 6.63 -15.52 -6.15
CA LEU A 122 5.66 -14.46 -6.47
C LEU A 122 6.30 -13.09 -6.53
N PHE A 123 7.61 -13.03 -6.42
CA PHE A 123 8.36 -11.80 -6.61
C PHE A 123 9.17 -11.90 -7.90
N CYS A 124 9.55 -10.72 -8.39
CA CYS A 124 10.56 -10.60 -9.44
C CYS A 124 11.52 -9.50 -9.05
N TYR A 125 12.81 -9.79 -9.14
CA TYR A 125 13.87 -8.78 -8.95
C TYR A 125 14.73 -8.81 -10.18
N ALA A 126 14.99 -7.64 -10.77
CA ALA A 126 15.85 -7.52 -11.94
C ALA A 126 16.70 -6.26 -11.86
N LEU A 127 17.88 -6.31 -12.45
CA LEU A 127 18.75 -5.14 -12.57
C LEU A 127 18.78 -4.70 -14.01
N LEU A 128 18.53 -3.41 -14.26
CA LEU A 128 18.53 -2.84 -15.62
C LEU A 128 19.55 -1.71 -15.65
N LYS A 129 20.59 -1.86 -16.46
CA LYS A 129 21.62 -0.81 -16.59
C LYS A 129 21.16 0.18 -17.64
N VAL A 130 20.95 1.44 -17.23
CA VAL A 130 20.40 2.48 -18.09
C VAL A 130 21.49 3.42 -18.60
N ALA A 131 22.55 3.61 -17.83
CA ALA A 131 23.68 4.46 -18.21
C ALA A 131 24.89 3.86 -17.53
N PRO A 132 26.09 4.29 -17.90
CA PRO A 132 27.27 3.75 -17.24
C PRO A 132 27.21 3.71 -15.70
N ALA A 133 26.75 4.74 -15.07
CA ALA A 133 26.61 4.68 -13.62
C ALA A 133 25.17 4.99 -13.27
N GLN A 134 24.22 4.34 -13.93
CA GLN A 134 22.84 4.43 -13.48
C GLN A 134 22.15 3.10 -13.68
N TRP A 135 21.67 2.56 -12.59
CA TRP A 135 20.98 1.28 -12.59
C TRP A 135 19.58 1.45 -12.06
N MET A 136 18.66 0.59 -12.54
CA MET A 136 17.35 0.47 -11.92
C MET A 136 17.21 -0.95 -11.37
N TRP A 137 16.80 -1.06 -10.13
CA TRP A 137 16.49 -2.33 -9.52
C TRP A 137 14.96 -2.43 -9.52
N TYR A 138 14.43 -3.32 -10.34
CA TYR A 138 12.97 -3.54 -10.41
C TYR A 138 12.52 -4.57 -9.38
N GLN A 139 11.40 -4.27 -8.71
CA GLN A 139 10.85 -5.11 -7.67
C GLN A 139 9.36 -5.27 -7.91
N ARG A 140 8.91 -6.52 -8.08
CA ARG A 140 7.47 -6.78 -8.27
C ARG A 140 7.03 -7.89 -7.33
N TYR A 141 5.82 -7.75 -6.79
CA TYR A 141 5.24 -8.74 -5.88
C TYR A 141 3.77 -8.87 -6.17
N HIS A 142 3.16 -9.87 -5.54
CA HIS A 142 1.69 -10.01 -5.56
C HIS A 142 1.16 -9.54 -4.22
N VAL A 143 0.06 -8.77 -4.24
CA VAL A 143 -0.45 -8.20 -2.99
C VAL A 143 -0.87 -9.24 -1.95
N ILE A 144 -1.04 -10.50 -2.33
CA ILE A 144 -1.36 -11.49 -1.32
C ILE A 144 -0.22 -11.69 -0.34
N MET A 145 1.02 -11.31 -0.72
CA MET A 145 2.16 -11.57 0.14
C MET A 145 3.02 -10.32 0.37
N MET A 146 2.56 -9.13 -0.06
CA MET A 146 3.38 -7.91 0.11
C MET A 146 2.49 -6.68 0.02
N ASP A 147 2.91 -5.60 0.68
CA ASP A 147 2.31 -4.27 0.47
C ASP A 147 3.42 -3.28 0.20
N GLY A 148 3.07 -2.00 0.02
CA GLY A 148 4.09 -1.03 -0.35
C GLY A 148 5.04 -0.71 0.80
N TYR A 149 4.54 -0.76 2.04
CA TYR A 149 5.44 -0.53 3.16
C TYR A 149 6.42 -1.66 3.31
N GLY A 150 5.98 -2.89 3.10
CA GLY A 150 6.93 -3.99 3.13
C GLY A 150 7.94 -3.91 1.99
N ALA A 151 7.49 -3.44 0.82
CA ALA A 151 8.44 -3.28 -0.31
C ALA A 151 9.51 -2.23 0.04
N TYR A 152 9.07 -1.15 0.72
CA TYR A 152 9.99 -0.11 1.16
C TYR A 152 11.03 -0.67 2.14
N LEU A 153 10.57 -1.47 3.11
CA LEU A 153 11.51 -2.03 4.10
C LEU A 153 12.48 -2.99 3.42
N ILE A 154 12.00 -3.77 2.46
CA ILE A 154 12.91 -4.68 1.74
C ILE A 154 13.96 -3.90 0.97
N ALA A 155 13.55 -2.81 0.30
CA ALA A 155 14.53 -2.01 -0.46
C ALA A 155 15.58 -1.42 0.48
N GLN A 156 15.16 -0.96 1.66
CA GLN A 156 16.07 -0.39 2.63
C GLN A 156 17.04 -1.45 3.15
N ARG A 157 16.54 -2.67 3.40
CA ARG A 157 17.38 -3.74 3.90
C ARG A 157 18.37 -4.22 2.84
N VAL A 158 17.92 -4.35 1.58
CA VAL A 158 18.85 -4.75 0.50
C VAL A 158 19.95 -3.72 0.36
N ALA A 159 19.61 -2.42 0.43
CA ALA A 159 20.62 -1.36 0.32
C ALA A 159 21.67 -1.52 1.41
N TYR A 160 21.21 -1.75 2.65
CA TYR A 160 22.12 -1.90 3.78
C TYR A 160 22.98 -3.14 3.62
N VAL A 161 22.37 -4.29 3.28
CA VAL A 161 23.14 -5.52 3.12
C VAL A 161 24.14 -5.38 1.96
N TYR A 162 23.67 -4.88 0.79
CA TYR A 162 24.58 -4.69 -0.33
C TYR A 162 25.76 -3.81 0.06
N SER A 163 25.50 -2.73 0.82
CA SER A 163 26.58 -1.82 1.19
C SER A 163 27.60 -2.53 2.07
N ALA A 164 27.14 -3.34 3.03
CA ALA A 164 28.08 -4.06 3.88
C ALA A 164 28.88 -5.08 3.06
N LEU A 165 28.20 -5.83 2.19
CA LEU A 165 28.94 -6.78 1.35
C LEU A 165 29.98 -6.09 0.48
N CYS A 166 29.65 -4.89 -0.05
CA CYS A 166 30.61 -4.16 -0.90
C CYS A 166 31.85 -3.75 -0.13
N GLU A 167 31.68 -3.44 1.13
CA GLU A 167 32.78 -2.99 1.99
C GLU A 167 33.50 -4.13 2.68
N GLY A 168 33.05 -5.36 2.51
CA GLY A 168 33.68 -6.48 3.19
C GLY A 168 33.35 -6.58 4.65
N THR A 169 32.21 -6.09 5.08
CA THR A 169 31.82 -6.27 6.47
C THR A 169 30.56 -7.13 6.58
N THR A 170 30.32 -7.65 7.76
CA THR A 170 29.14 -8.49 7.95
C THR A 170 27.94 -7.60 8.24
N PRO A 171 26.86 -7.73 7.48
CA PRO A 171 25.66 -6.96 7.82
C PRO A 171 25.18 -7.32 9.21
N ALA A 172 24.81 -6.31 9.97
CA ALA A 172 24.15 -6.56 11.26
C ALA A 172 22.84 -7.30 11.05
N GLU A 173 22.42 -8.08 12.04
CA GLU A 173 21.25 -8.93 11.89
C GLU A 173 20.01 -8.07 11.62
N CYS A 174 19.07 -8.58 10.82
CA CYS A 174 17.88 -7.77 10.53
C CYS A 174 17.00 -7.64 11.79
N ASP A 175 16.08 -6.69 11.73
CA ASP A 175 15.17 -6.50 12.83
C ASP A 175 13.78 -7.11 12.58
N PHE A 176 13.56 -7.77 11.43
CA PHE A 176 12.27 -8.37 11.09
C PHE A 176 12.18 -9.65 11.92
N GLY A 177 11.03 -9.95 12.51
CA GLY A 177 10.70 -11.33 12.81
C GLY A 177 10.17 -11.98 11.56
N SER A 178 9.65 -13.19 11.74
CA SER A 178 9.19 -14.07 10.68
C SER A 178 7.69 -13.92 10.42
N ILE A 179 7.31 -14.07 9.14
CA ILE A 179 5.91 -14.06 8.77
C ILE A 179 5.14 -15.15 9.50
N LEU A 180 5.80 -16.23 9.92
CA LEU A 180 5.10 -17.27 10.69
C LEU A 180 4.61 -16.72 12.02
N GLN A 181 5.30 -15.73 12.58
CA GLN A 181 4.85 -15.16 13.83
C GLN A 181 3.54 -14.40 13.63
N LEU A 182 3.42 -13.74 12.49
CA LEU A 182 2.16 -13.09 12.12
C LEU A 182 1.08 -14.14 11.97
N LEU A 183 1.38 -15.23 11.23
CA LEU A 183 0.36 -16.26 11.00
C LEU A 183 -0.11 -16.88 12.30
N GLU A 184 0.81 -17.12 13.23
CA GLU A 184 0.42 -17.74 14.49
C GLU A 184 -0.38 -16.77 15.34
N SER A 185 0.01 -15.49 15.32
CA SER A 185 -0.71 -14.49 16.11
C SER A 185 -2.12 -14.32 15.60
N ASP A 186 -2.26 -14.26 14.29
CA ASP A 186 -3.58 -14.10 13.70
C ASP A 186 -4.46 -15.32 13.95
N ALA A 187 -3.88 -16.53 13.91
CA ALA A 187 -4.69 -17.73 14.17
C ALA A 187 -5.27 -17.66 15.59
N GLN A 188 -4.48 -17.13 16.53
CA GLN A 188 -4.96 -17.04 17.90
C GLN A 188 -6.01 -15.93 18.02
N TYR A 189 -5.77 -14.81 17.32
CA TYR A 189 -6.70 -13.69 17.40
C TYR A 189 -8.09 -14.11 16.90
N GLN A 190 -8.14 -15.01 15.92
CA GLN A 190 -9.41 -15.35 15.31
C GLN A 190 -10.35 -15.99 16.32
N ILE A 191 -9.81 -16.71 17.32
CA ILE A 191 -10.64 -17.36 18.32
C ILE A 191 -10.70 -16.61 19.64
N SER A 192 -10.21 -15.37 19.69
CA SER A 192 -10.04 -14.67 20.94
C SER A 192 -11.29 -13.87 21.29
N ALA A 193 -11.41 -13.56 22.59
CA ALA A 193 -12.46 -12.65 23.05
C ALA A 193 -12.28 -11.26 22.47
N GLN A 194 -11.03 -10.83 22.25
CA GLN A 194 -10.78 -9.52 21.65
C GLN A 194 -11.51 -9.39 20.31
N ARG A 195 -11.44 -10.42 19.47
CA ARG A 195 -12.09 -10.27 18.16
C ARG A 195 -13.59 -10.07 18.29
N ALA A 196 -14.22 -10.73 19.27
CA ALA A 196 -15.64 -10.55 19.46
C ALA A 196 -15.96 -9.14 19.95
N GLN A 197 -15.12 -8.60 20.85
CA GLN A 197 -15.29 -7.22 21.27
C GLN A 197 -15.10 -6.25 20.10
N ASP A 198 -14.11 -6.53 19.22
CA ASP A 198 -13.86 -5.66 18.08
C ASP A 198 -15.03 -5.69 17.11
N GLU A 199 -15.59 -6.87 16.88
CA GLU A 199 -16.74 -6.99 15.99
C GLU A 199 -17.89 -6.11 16.46
N ALA A 200 -18.22 -6.18 17.75
CA ALA A 200 -19.29 -5.35 18.28
C ALA A 200 -18.99 -3.87 18.07
N TYR A 201 -17.76 -3.45 18.37
CA TYR A 201 -17.40 -2.05 18.19
C TYR A 201 -17.64 -1.60 16.75
N TRP A 202 -17.15 -2.35 15.78
CA TRP A 202 -17.22 -1.87 14.41
C TRP A 202 -18.63 -1.99 13.87
N LEU A 203 -19.40 -2.99 14.32
CA LEU A 203 -20.78 -3.06 13.88
C LEU A 203 -21.57 -1.84 14.36
N LYS A 204 -21.33 -1.42 15.60
CA LYS A 204 -21.97 -0.21 16.11
C LYS A 204 -21.44 1.02 15.39
N HIS A 205 -20.13 1.11 15.21
CA HIS A 205 -19.57 2.27 14.55
C HIS A 205 -20.14 2.47 13.15
N CYS A 206 -20.40 1.38 12.43
CA CYS A 206 -20.85 1.46 11.05
C CYS A 206 -22.38 1.42 10.88
N ALA A 207 -23.14 1.46 11.98
CA ALA A 207 -24.60 1.53 11.87
C ALA A 207 -24.99 2.68 10.94
N ASN A 208 -26.06 2.49 10.17
CA ASN A 208 -26.60 3.52 9.28
C ASN A 208 -25.70 3.83 8.10
N TRP A 209 -24.89 2.86 7.69
CA TRP A 209 -24.13 2.98 6.47
C TRP A 209 -25.05 3.26 5.29
N SER A 210 -24.50 3.94 4.29
CA SER A 210 -25.13 4.00 2.98
C SER A 210 -24.01 4.01 1.96
N GLU A 211 -24.35 4.29 0.71
CA GLU A 211 -23.36 4.23 -0.35
C GLU A 211 -22.26 5.22 -0.01
N PRO A 212 -21.00 4.88 -0.19
CA PRO A 212 -19.95 5.81 0.23
C PRO A 212 -19.94 7.02 -0.67
N ALA A 213 -19.61 8.16 -0.09
CA ALA A 213 -19.38 9.36 -0.86
C ALA A 213 -18.26 9.09 -1.84
N THR A 214 -18.48 9.45 -3.10
CA THR A 214 -17.48 9.20 -4.12
C THR A 214 -17.55 10.24 -5.23
N LEU A 215 -16.40 10.50 -5.85
CA LEU A 215 -16.30 11.23 -7.09
C LEU A 215 -16.47 10.29 -8.30
N ALA A 216 -16.64 8.99 -8.06
CA ALA A 216 -16.73 8.03 -9.16
C ALA A 216 -17.99 8.27 -9.98
N SER A 217 -17.91 7.93 -11.27
N SER A 217 -17.91 7.91 -11.26
CA SER A 217 -19.12 8.00 -12.09
CA SER A 217 -19.11 7.99 -12.08
C SER A 217 -20.07 6.82 -11.85
C SER A 217 -20.08 6.85 -11.76
N ARG A 218 -19.57 5.72 -11.30
CA ARG A 218 -20.34 4.51 -11.03
C ARG A 218 -19.51 3.66 -10.09
N SER A 219 -20.09 2.58 -9.58
CA SER A 219 -19.33 1.57 -8.84
C SER A 219 -19.04 0.42 -9.80
N ALA A 220 -17.81 -0.13 -9.73
CA ALA A 220 -17.48 -1.22 -10.62
C ALA A 220 -16.43 -2.09 -9.97
N PRO A 221 -16.35 -3.36 -10.35
CA PRO A 221 -15.23 -4.21 -9.91
C PRO A 221 -13.93 -3.73 -10.56
N VAL A 222 -12.79 -4.14 -9.98
CA VAL A 222 -11.48 -3.80 -10.52
C VAL A 222 -11.06 -4.83 -11.56
N LEU A 223 -11.08 -4.45 -12.83
CA LEU A 223 -10.69 -5.36 -13.89
C LEU A 223 -9.38 -4.96 -14.52
N GLN A 224 -8.89 -3.74 -14.24
CA GLN A 224 -7.72 -3.19 -14.89
C GLN A 224 -6.86 -2.44 -13.89
N GLN A 225 -5.55 -2.37 -14.19
CA GLN A 225 -4.63 -1.67 -13.30
C GLN A 225 -4.99 -0.17 -13.28
N ARG A 226 -4.52 0.52 -12.24
CA ARG A 226 -5.06 1.83 -11.92
C ARG A 226 -4.78 2.86 -13.02
N LEU A 227 -5.67 3.84 -13.09
CA LEU A 227 -5.35 5.10 -13.75
C LEU A 227 -4.69 5.96 -12.70
N ARG A 228 -3.54 6.55 -13.03
CA ARG A 228 -2.79 7.31 -12.03
C ARG A 228 -2.57 8.75 -12.49
N GLN A 229 -2.79 9.71 -11.59
CA GLN A 229 -2.27 11.07 -11.74
C GLN A 229 -1.40 11.37 -10.55
N THR A 230 -0.19 11.91 -10.77
CA THR A 230 0.73 12.18 -9.67
C THR A 230 1.01 13.66 -9.62
N THR A 231 1.02 14.19 -8.39
CA THR A 231 1.45 15.55 -8.10
C THR A 231 2.66 15.53 -7.18
N TYR A 232 3.60 16.45 -7.39
CA TYR A 232 4.70 16.71 -6.47
C TYR A 232 4.48 18.07 -5.83
N LEU A 233 4.56 18.11 -4.49
CA LEU A 233 4.26 19.34 -3.80
C LEU A 233 5.31 19.57 -2.72
N ALA A 234 5.78 20.81 -2.63
CA ALA A 234 6.70 21.18 -1.56
C ALA A 234 5.98 21.03 -0.22
N ILE A 235 6.66 20.45 0.76
CA ILE A 235 6.04 20.30 2.08
C ILE A 235 5.68 21.66 2.67
N GLN A 236 6.43 22.72 2.32
CA GLN A 236 6.14 24.04 2.86
C GLN A 236 4.75 24.52 2.48
N ALA A 237 4.17 23.99 1.40
CA ALA A 237 2.83 24.40 0.99
C ALA A 237 1.78 24.02 2.02
N LEU A 238 2.07 23.07 2.89
CA LEU A 238 1.12 22.67 3.90
C LEU A 238 1.36 23.38 5.22
N GLY A 239 2.30 24.31 5.28
CA GLY A 239 2.40 25.15 6.47
C GLY A 239 2.77 24.32 7.69
N ASP A 240 2.03 24.54 8.79
CA ASP A 240 2.33 23.86 10.05
C ASP A 240 1.51 22.60 10.24
N THR A 241 0.81 22.12 9.21
CA THR A 241 -0.18 21.08 9.44
C THR A 241 0.40 19.67 9.56
N ALA A 242 1.62 19.44 9.05
CA ALA A 242 2.15 18.09 8.87
C ALA A 242 3.57 17.97 9.42
N PRO A 243 3.75 18.04 10.74
CA PRO A 243 5.10 17.85 11.31
C PRO A 243 5.58 16.42 11.24
N ASP A 244 4.68 15.46 11.06
CA ASP A 244 5.06 14.04 10.98
C ASP A 244 3.97 13.32 10.18
N ALA A 245 4.19 12.02 9.97
CA ALA A 245 3.32 11.24 9.12
C ALA A 245 1.93 11.12 9.71
N ARG A 246 1.85 10.99 11.04
CA ARG A 246 0.54 10.90 11.69
C ARG A 246 -0.30 12.13 11.40
N ARG A 247 0.31 13.30 11.55
CA ARG A 247 -0.41 14.54 11.31
C ARG A 247 -0.71 14.73 9.83
N LEU A 248 0.20 14.31 8.94
CA LEU A 248 -0.11 14.41 7.52
C LEU A 248 -1.26 13.49 7.13
N ALA A 249 -1.30 12.29 7.68
CA ALA A 249 -2.43 11.42 7.36
C ALA A 249 -3.74 12.04 7.86
N GLN A 250 -3.71 12.65 9.04
CA GLN A 250 -4.93 13.27 9.57
C GLN A 250 -5.35 14.45 8.71
N PHE A 251 -4.37 15.24 8.25
CA PHE A 251 -4.67 16.37 7.37
C PHE A 251 -5.25 15.90 6.04
N MET A 252 -4.63 14.92 5.39
CA MET A 252 -5.11 14.50 4.07
C MET A 252 -6.49 13.87 4.14
N THR A 253 -6.76 13.12 5.23
CA THR A 253 -8.08 12.51 5.38
C THR A 253 -9.12 13.59 5.62
N ALA A 254 -8.79 14.59 6.46
CA ALA A 254 -9.74 15.69 6.65
C ALA A 254 -9.98 16.44 5.35
N ALA A 255 -8.89 16.75 4.61
CA ALA A 255 -9.04 17.50 3.37
C ALA A 255 -9.87 16.74 2.34
N MET A 256 -9.62 15.43 2.17
CA MET A 256 -10.38 14.70 1.18
C MET A 256 -11.84 14.55 1.61
N ALA A 257 -12.08 14.33 2.90
CA ALA A 257 -13.48 14.24 3.37
C ALA A 257 -14.23 15.54 3.09
N ALA A 258 -13.58 16.68 3.37
CA ALA A 258 -14.20 17.96 3.10
C ALA A 258 -14.46 18.13 1.61
N TYR A 259 -13.51 17.69 0.76
CA TYR A 259 -13.68 17.81 -0.69
C TYR A 259 -14.83 16.94 -1.17
N LEU A 260 -14.92 15.70 -0.66
CA LEU A 260 -16.04 14.84 -1.03
C LEU A 260 -17.37 15.48 -0.62
N TYR A 261 -17.41 16.06 0.58
CA TYR A 261 -18.63 16.73 1.03
C TYR A 261 -19.01 17.85 0.09
N ARG A 262 -18.04 18.69 -0.31
CA ARG A 262 -18.36 19.81 -1.19
C ARG A 262 -18.87 19.33 -2.54
N PHE A 263 -18.46 18.14 -2.98
CA PHE A 263 -18.85 17.64 -4.29
C PHE A 263 -20.07 16.72 -4.26
N THR A 264 -20.47 16.21 -3.09
CA THR A 264 -21.62 15.31 -3.02
C THR A 264 -22.76 15.79 -2.15
N GLY A 265 -22.50 16.69 -1.21
CA GLY A 265 -23.47 17.03 -0.18
C GLY A 265 -23.57 16.03 0.95
N GLU A 266 -22.76 14.97 0.93
CA GLU A 266 -22.79 13.98 2.01
C GLU A 266 -22.08 14.59 3.22
N GLN A 267 -22.80 14.76 4.32
CA GLN A 267 -22.20 15.33 5.50
C GLN A 267 -21.54 14.29 6.40
N ASP A 268 -21.89 13.02 6.27
CA ASP A 268 -21.25 11.97 7.05
C ASP A 268 -20.38 11.15 6.10
N VAL A 269 -19.14 11.58 6.00
CA VAL A 269 -18.20 11.05 5.01
C VAL A 269 -17.35 9.96 5.65
N VAL A 270 -17.30 8.79 5.04
CA VAL A 270 -16.48 7.70 5.53
C VAL A 270 -15.35 7.46 4.54
N LEU A 271 -14.14 7.49 5.05
CA LEU A 271 -12.93 7.16 4.28
C LEU A 271 -12.32 5.89 4.88
N GLY A 272 -11.35 5.31 4.15
CA GLY A 272 -10.59 4.20 4.66
C GLY A 272 -9.21 4.69 5.04
N LEU A 273 -8.80 4.39 6.29
CA LEU A 273 -7.49 4.83 6.81
C LEU A 273 -6.99 3.72 7.72
N PRO A 274 -5.72 3.32 7.61
CA PRO A 274 -5.14 2.47 8.68
C PRO A 274 -5.15 3.24 9.99
N VAL A 275 -5.40 2.53 11.10
CA VAL A 275 -5.51 3.20 12.41
C VAL A 275 -4.16 3.77 12.86
N LYS A 276 -3.06 3.20 12.39
CA LYS A 276 -1.75 3.80 12.59
C LYS A 276 -0.92 3.72 11.31
N VAL A 277 -0.03 4.70 11.18
CA VAL A 277 0.84 4.89 10.00
C VAL A 277 2.20 4.30 10.31
N ARG A 278 2.67 3.41 9.47
CA ARG A 278 3.97 2.77 9.71
C ARG A 278 5.11 3.56 9.04
N PHE A 279 6.32 3.48 9.64
CA PHE A 279 7.58 4.06 9.11
C PHE A 279 8.73 3.05 9.15
N GLY A 280 9.90 3.45 8.65
CA GLY A 280 11.07 2.56 8.48
C GLY A 280 11.82 2.22 9.74
N ALA A 281 12.70 1.23 9.64
CA ALA A 281 13.49 0.75 10.80
C ALA A 281 12.64 0.68 12.08
N ASP A 282 11.48 0.04 12.03
CA ASP A 282 10.64 0.02 13.26
C ASP A 282 10.19 -1.42 13.60
N ARG A 283 11.01 -2.40 13.29
CA ARG A 283 10.82 -3.85 13.62
C ARG A 283 9.55 -4.46 12.99
N HIS A 284 9.09 -3.90 11.88
N HIS A 284 9.10 -3.92 11.87
CA HIS A 284 7.90 -4.47 11.25
CA HIS A 284 7.92 -4.44 11.22
C HIS A 284 8.31 -5.63 10.36
C HIS A 284 8.32 -5.63 10.36
N ILE A 285 7.43 -6.62 10.29
CA ILE A 285 7.65 -7.84 9.47
C ILE A 285 7.17 -7.57 8.05
N PRO A 286 8.05 -7.62 7.05
CA PRO A 286 7.58 -7.37 5.69
C PRO A 286 6.53 -8.38 5.30
N GLY A 287 5.48 -7.89 4.65
CA GLY A 287 4.35 -8.72 4.33
C GLY A 287 3.18 -8.55 5.28
N MET A 288 3.43 -8.14 6.53
CA MET A 288 2.32 -7.87 7.44
C MET A 288 1.61 -6.61 6.96
N LYS A 289 0.28 -6.67 6.85
CA LYS A 289 -0.48 -5.60 6.21
C LYS A 289 -1.03 -4.62 7.26
N SER A 290 -1.36 -3.42 6.78
CA SER A 290 -2.21 -2.47 7.50
C SER A 290 -3.68 -2.85 7.31
N ASN A 291 -4.44 -2.76 8.35
CA ASN A 291 -5.88 -2.99 8.23
C ASN A 291 -6.51 -1.62 7.93
N THR A 292 -7.06 -1.41 6.73
CA THR A 292 -7.70 -0.12 6.41
C THR A 292 -9.11 -0.17 6.97
N LEU A 293 -9.40 0.70 7.91
CA LEU A 293 -10.71 0.66 8.54
C LEU A 293 -11.47 1.93 8.28
N PRO A 294 -12.80 1.91 8.44
CA PRO A 294 -13.56 3.12 8.17
C PRO A 294 -13.20 4.21 9.14
N LEU A 295 -13.18 5.42 8.63
CA LEU A 295 -12.94 6.62 9.44
C LEU A 295 -14.03 7.58 9.03
N ARG A 296 -14.86 7.99 10.00
N ARG A 296 -14.91 7.93 9.99
CA ARG A 296 -16.05 8.78 9.72
CA ARG A 296 -16.03 8.79 9.71
C ARG A 296 -15.80 10.22 10.16
C ARG A 296 -15.70 10.22 10.13
N LEU A 297 -15.93 11.17 9.23
CA LEU A 297 -15.78 12.59 9.54
C LEU A 297 -17.10 13.26 9.22
N THR A 298 -17.57 14.09 10.13
CA THR A 298 -18.92 14.64 10.00
C THR A 298 -18.85 16.13 9.70
N MET A 299 -19.54 16.52 8.64
CA MET A 299 -19.60 17.92 8.27
C MET A 299 -20.85 18.46 8.94
N ARG A 300 -20.65 19.44 9.75
CA ARG A 300 -21.77 20.20 10.35
C ARG A 300 -21.48 21.69 10.18
N PRO A 301 -22.50 22.54 10.31
CA PRO A 301 -22.27 23.97 10.08
C PRO A 301 -21.06 24.49 10.82
N GLY A 302 -20.26 25.30 10.10
CA GLY A 302 -19.04 25.88 10.62
C GLY A 302 -17.86 24.94 10.66
N MET A 303 -18.01 23.68 10.26
CA MET A 303 -16.89 22.75 10.28
C MET A 303 -15.68 23.33 9.54
N ASN A 304 -14.50 23.12 10.12
CA ASN A 304 -13.26 23.68 9.55
C ASN A 304 -12.17 22.61 9.60
N LEU A 305 -10.99 22.92 9.08
CA LEU A 305 -9.92 21.92 9.08
C LEU A 305 -9.54 21.51 10.48
N SER A 306 -9.40 22.49 11.37
CA SER A 306 -9.02 22.21 12.75
C SER A 306 -9.96 21.19 13.37
N SER A 307 -11.26 21.40 13.25
CA SER A 307 -12.20 20.48 13.88
C SER A 307 -12.15 19.11 13.21
N LEU A 308 -11.98 19.06 11.88
CA LEU A 308 -11.89 17.77 11.20
C LEU A 308 -10.66 17.00 11.62
N MET A 309 -9.52 17.68 11.74
CA MET A 309 -8.32 16.96 12.17
C MET A 309 -8.51 16.44 13.58
N GLN A 310 -9.25 17.19 14.40
CA GLN A 310 -9.57 16.74 15.76
C GLN A 310 -10.45 15.50 15.72
N GLN A 311 -11.47 15.49 14.85
CA GLN A 311 -12.31 14.31 14.71
C GLN A 311 -11.51 13.12 14.22
N ALA A 312 -10.57 13.36 13.33
CA ALA A 312 -9.75 12.26 12.79
C ALA A 312 -8.92 11.64 13.91
N ALA A 313 -8.34 12.47 14.76
CA ALA A 313 -7.56 11.96 15.91
C ALA A 313 -8.47 11.21 16.88
N GLN A 314 -9.67 11.72 17.11
CA GLN A 314 -10.63 11.05 18.01
C GLN A 314 -11.00 9.68 17.41
N GLU A 315 -11.33 9.65 16.12
CA GLU A 315 -11.66 8.36 15.49
C GLU A 315 -10.52 7.36 15.67
N MET A 316 -9.30 7.79 15.34
CA MET A 316 -8.16 6.88 15.43
C MET A 316 -7.93 6.42 16.87
N GLN A 317 -8.04 7.31 17.84
CA GLN A 317 -7.85 6.89 19.23
C GLN A 317 -8.92 5.91 19.67
N SER A 318 -10.18 6.13 19.29
CA SER A 318 -11.28 5.22 19.66
C SER A 318 -11.14 3.86 18.99
N GLY A 319 -10.55 3.81 17.79
CA GLY A 319 -10.44 2.52 17.11
C GLY A 319 -9.22 1.73 17.49
N LEU A 320 -8.32 2.32 18.26
CA LEU A 320 -7.03 1.70 18.49
C LEU A 320 -7.17 0.32 19.14
N ARG A 321 -8.01 0.21 20.18
CA ARG A 321 -8.18 -1.09 20.83
C ARG A 321 -8.70 -2.14 19.84
N HIS A 322 -9.42 -1.70 18.80
CA HIS A 322 -10.13 -2.58 17.89
C HIS A 322 -9.50 -2.66 16.51
N GLN A 323 -8.24 -2.25 16.39
CA GLN A 323 -7.59 -2.05 15.09
C GLN A 323 -7.33 -3.37 14.36
N ARG A 324 -7.43 -4.53 15.01
CA ARG A 324 -7.11 -5.80 14.35
C ARG A 324 -8.29 -6.40 13.63
N TYR A 325 -9.48 -5.84 13.79
CA TYR A 325 -10.65 -6.48 13.19
C TYR A 325 -10.62 -6.30 11.67
N PRO A 326 -10.65 -7.38 10.90
CA PRO A 326 -10.48 -7.24 9.44
C PRO A 326 -11.61 -6.43 8.82
N SER A 327 -11.25 -5.36 8.09
CA SER A 327 -12.18 -4.60 7.26
C SER A 327 -13.07 -5.52 6.42
N GLU A 328 -12.46 -6.58 5.88
CA GLU A 328 -13.16 -7.51 5.00
C GLU A 328 -14.27 -8.27 5.73
N ALA A 329 -13.98 -8.72 6.96
CA ALA A 329 -15.00 -9.35 7.79
C ALA A 329 -16.13 -8.40 8.10
N LEU A 330 -15.79 -7.16 8.48
CA LEU A 330 -16.80 -6.17 8.83
C LEU A 330 -17.76 -5.96 7.68
N ARG A 331 -17.23 -5.75 6.47
CA ARG A 331 -18.05 -5.48 5.30
C ARG A 331 -19.12 -6.56 5.07
N ARG A 332 -18.84 -7.81 5.48
CA ARG A 332 -19.82 -8.88 5.34
C ARG A 332 -20.76 -8.93 6.54
N GLN A 333 -20.22 -8.80 7.75
CA GLN A 333 -21.07 -8.89 8.94
C GLN A 333 -22.17 -7.84 8.91
N LEU A 334 -21.92 -6.72 8.23
CA LEU A 334 -22.96 -5.70 8.08
C LEU A 334 -24.06 -6.11 7.12
N GLY A 335 -23.88 -7.22 6.42
CA GLY A 335 -24.94 -7.67 5.49
C GLY A 335 -25.09 -6.71 4.33
N MET A 336 -23.97 -6.21 3.85
CA MET A 336 -24.06 -5.28 2.70
C MET A 336 -24.11 -6.07 1.40
N PRO A 337 -24.78 -5.52 0.38
CA PRO A 337 -24.93 -6.10 -0.95
C PRO A 337 -23.88 -5.98 -2.07
N SER A 338 -23.82 -7.02 -2.90
CA SER A 338 -22.95 -7.26 -4.09
C SER A 338 -22.02 -6.11 -4.52
N GLY A 339 -20.79 -6.17 -4.06
CA GLY A 339 -19.72 -5.25 -4.49
C GLY A 339 -19.68 -3.97 -3.72
N GLN A 340 -20.62 -3.75 -2.80
CA GLN A 340 -20.65 -2.48 -2.02
C GLN A 340 -19.54 -2.50 -0.97
N ARG A 341 -18.91 -1.35 -0.82
CA ARG A 341 -17.76 -1.16 0.06
C ARG A 341 -18.11 -0.24 1.23
N LEU A 342 -17.26 -0.29 2.24
CA LEU A 342 -17.39 0.56 3.41
C LEU A 342 -16.96 1.99 3.13
N PHE A 343 -16.08 2.20 2.16
CA PHE A 343 -15.58 3.52 1.80
C PHE A 343 -15.16 3.44 0.34
N GLY A 344 -15.22 4.59 -0.34
CA GLY A 344 -14.79 4.71 -1.72
C GLY A 344 -13.33 5.11 -1.85
N THR A 345 -12.89 5.92 -0.91
CA THR A 345 -11.59 6.59 -1.00
C THR A 345 -10.75 6.19 0.19
N THR A 346 -9.53 5.80 -0.08
CA THR A 346 -8.57 5.47 0.96
C THR A 346 -7.39 6.44 0.88
N VAL A 347 -6.77 6.66 2.03
CA VAL A 347 -5.58 7.50 2.14
C VAL A 347 -4.46 6.68 2.76
N ASN A 348 -3.31 6.60 2.06
CA ASN A 348 -2.20 5.75 2.49
C ASN A 348 -0.94 6.62 2.48
N VAL A 349 -0.48 7.05 3.67
CA VAL A 349 0.79 7.75 3.80
C VAL A 349 1.91 6.73 3.98
N MET A 350 2.97 6.86 3.18
CA MET A 350 4.09 5.92 3.12
C MET A 350 5.39 6.69 3.26
N PRO A 351 6.43 6.06 3.79
CA PRO A 351 7.66 6.80 4.07
C PRO A 351 8.49 7.03 2.81
N PHE A 352 9.47 7.89 2.99
CA PHE A 352 10.45 8.26 1.97
C PHE A 352 11.79 8.04 2.66
N ASP A 353 12.67 7.31 2.00
CA ASP A 353 13.93 6.91 2.61
C ASP A 353 14.99 7.96 2.30
N LEU A 354 15.18 8.92 3.22
CA LEU A 354 16.16 9.98 3.02
C LEU A 354 17.56 9.42 2.77
N ASP A 355 17.93 8.35 3.47
CA ASP A 355 19.33 7.94 3.51
C ASP A 355 19.66 6.77 2.58
N LEU A 356 18.78 6.43 1.65
CA LEU A 356 18.95 5.19 0.90
C LEU A 356 20.22 5.24 0.05
N SER A 357 21.08 4.24 0.21
CA SER A 357 22.42 4.31 -0.37
C SER A 357 22.86 2.87 -0.67
N PHE A 358 23.43 2.65 -1.86
CA PHE A 358 23.93 1.32 -2.27
C PHE A 358 25.41 1.46 -2.50
N GLY A 359 26.24 0.89 -1.61
CA GLY A 359 27.70 0.97 -1.82
C GLY A 359 28.21 2.40 -1.92
N GLY A 360 27.61 3.32 -1.17
CA GLY A 360 28.03 4.71 -1.21
C GLY A 360 27.30 5.54 -2.23
N TYR A 361 26.49 4.94 -3.09
CA TYR A 361 25.82 5.64 -4.19
C TYR A 361 24.36 5.91 -3.84
N SER A 362 23.91 7.14 -4.06
CA SER A 362 22.57 7.51 -3.62
C SER A 362 21.50 6.80 -4.49
N ALA A 363 20.31 6.62 -3.90
CA ALA A 363 19.24 5.96 -4.62
C ALA A 363 17.89 6.50 -4.16
N THR A 364 16.88 6.28 -4.98
CA THR A 364 15.52 6.72 -4.68
C THR A 364 14.54 5.66 -5.17
N ASN A 365 13.40 5.55 -4.48
CA ASN A 365 12.36 4.57 -4.80
C ASN A 365 11.18 5.23 -5.49
N HIS A 366 10.58 4.52 -6.45
CA HIS A 366 9.48 5.07 -7.26
C HIS A 366 8.43 4.01 -7.50
N ASN A 367 7.21 4.27 -7.01
CA ASN A 367 6.18 3.26 -7.17
C ASN A 367 5.74 3.17 -8.62
N LEU A 368 5.54 1.94 -9.08
CA LEU A 368 4.91 1.67 -10.37
C LEU A 368 3.45 1.26 -10.21
N LEU A 369 3.18 0.24 -9.42
CA LEU A 369 1.82 -0.16 -9.08
C LEU A 369 1.71 -0.28 -7.58
N ASN A 370 0.57 0.16 -7.01
CA ASN A 370 0.35 0.04 -5.59
C ASN A 370 -0.88 -0.80 -5.31
N GLY A 371 -1.12 -1.82 -6.15
CA GLY A 371 -2.26 -2.69 -5.93
C GLY A 371 -3.51 -2.17 -6.65
N PRO A 372 -4.58 -2.93 -6.56
CA PRO A 372 -5.84 -2.53 -7.23
C PRO A 372 -6.48 -1.29 -6.63
N ALA A 373 -7.04 -0.45 -7.51
CA ALA A 373 -7.78 0.74 -7.09
C ALA A 373 -9.26 0.45 -7.28
N GLU A 374 -9.94 0.12 -6.20
CA GLU A 374 -11.37 -0.22 -6.28
C GLU A 374 -12.20 0.98 -6.75
N ASP A 375 -11.94 2.16 -6.17
CA ASP A 375 -12.58 3.40 -6.55
C ASP A 375 -11.45 4.42 -6.64
N LEU A 376 -11.08 5.07 -5.53
CA LEU A 376 -9.97 6.02 -5.53
C LEU A 376 -9.08 5.77 -4.32
N MET A 377 -7.76 5.83 -4.53
CA MET A 377 -6.78 5.67 -3.45
C MET A 377 -5.83 6.83 -3.59
N LEU A 378 -5.50 7.45 -2.48
CA LEU A 378 -4.41 8.41 -2.48
C LEU A 378 -3.19 7.74 -1.87
N GLY A 379 -2.07 7.72 -2.62
CA GLY A 379 -0.82 7.24 -2.07
C GLY A 379 0.12 8.40 -1.85
N VAL A 380 0.53 8.68 -0.62
CA VAL A 380 1.32 9.86 -0.33
C VAL A 380 2.67 9.40 0.19
N TYR A 381 3.76 9.86 -0.43
CA TYR A 381 5.11 9.45 -0.05
C TYR A 381 5.85 10.65 0.53
N TRP A 382 6.30 10.57 1.80
CA TRP A 382 6.97 11.67 2.48
C TRP A 382 7.49 11.18 3.84
N THR A 383 8.56 11.81 4.30
N THR A 383 8.57 11.82 4.32
CA THR A 383 9.03 11.69 5.68
CA THR A 383 9.12 11.62 5.69
C THR A 383 9.56 13.05 6.13
C THR A 383 9.64 12.97 6.15
N PRO A 384 9.53 13.33 7.43
CA PRO A 384 10.10 14.59 7.91
C PRO A 384 11.57 14.71 7.52
N GLY A 385 11.94 15.89 7.07
CA GLY A 385 13.26 16.13 6.53
C GLY A 385 13.29 16.11 5.03
N SER A 386 12.27 15.52 4.40
CA SER A 386 12.09 15.61 2.96
C SER A 386 11.32 16.88 2.62
N HIS A 387 11.80 17.63 1.64
CA HIS A 387 11.17 18.90 1.34
C HIS A 387 10.01 18.75 0.35
N GLN A 388 9.78 17.55 -0.16
CA GLN A 388 8.72 17.34 -1.18
C GLN A 388 7.85 16.09 -0.90
N LEU A 389 6.56 16.18 -1.22
CA LEU A 389 5.59 15.06 -1.13
C LEU A 389 5.29 14.57 -2.54
N ARG A 390 5.20 13.27 -2.74
CA ARG A 390 4.63 12.72 -3.99
C ARG A 390 3.22 12.22 -3.64
N ILE A 391 2.23 12.69 -4.36
CA ILE A 391 0.83 12.28 -4.13
C ILE A 391 0.31 11.60 -5.38
N ASP A 392 0.02 10.30 -5.26
CA ASP A 392 -0.57 9.52 -6.35
C ASP A 392 -2.08 9.45 -6.13
N PHE A 393 -2.86 9.86 -7.14
CA PHE A 393 -4.29 9.59 -7.20
C PHE A 393 -4.46 8.36 -8.09
N ASP A 394 -4.78 7.22 -7.47
CA ASP A 394 -4.93 5.93 -8.19
C ASP A 394 -6.39 5.57 -8.25
N ALA A 395 -6.93 5.41 -9.46
CA ALA A 395 -8.37 5.30 -9.63
C ALA A 395 -8.74 4.09 -10.49
N ASN A 396 -9.91 3.48 -10.19
CA ASN A 396 -10.46 2.42 -11.04
C ASN A 396 -10.75 3.01 -12.42
N PRO A 397 -10.16 2.50 -13.50
CA PRO A 397 -10.37 3.09 -14.83
C PRO A 397 -11.82 3.00 -15.30
N ALA A 398 -12.61 2.11 -14.72
CA ALA A 398 -14.01 2.03 -15.08
C ALA A 398 -14.85 3.09 -14.40
N CYS A 399 -14.27 3.85 -13.46
CA CYS A 399 -15.02 4.84 -12.70
C CYS A 399 -14.61 6.29 -12.97
N TYR A 400 -13.50 6.53 -13.67
CA TYR A 400 -12.95 7.85 -13.92
C TYR A 400 -12.29 7.87 -15.28
N THR A 401 -12.19 9.05 -15.88
CA THR A 401 -11.38 9.26 -17.07
C THR A 401 -10.12 9.98 -16.69
N PRO A 402 -9.07 9.92 -17.52
CA PRO A 402 -7.86 10.69 -17.15
C PRO A 402 -8.13 12.18 -16.96
N GLU A 403 -8.94 12.72 -17.80
CA GLU A 403 -9.26 14.14 -17.67
C GLU A 403 -10.01 14.42 -16.37
N GLY A 404 -10.93 13.67 -16.16
CA GLY A 404 -11.76 13.89 -14.99
C GLY A 404 -10.97 13.72 -13.69
N LEU A 405 -10.09 12.71 -13.65
CA LEU A 405 -9.26 12.54 -12.46
C LEU A 405 -8.25 13.68 -12.34
N GLY A 406 -7.67 14.13 -13.46
CA GLY A 406 -6.75 15.25 -13.37
C GLY A 406 -7.41 16.54 -12.91
N ALA A 407 -8.66 16.77 -13.32
CA ALA A 407 -9.37 17.96 -12.87
C ALA A 407 -9.60 17.90 -11.37
N HIS A 408 -10.00 16.72 -10.85
CA HIS A 408 -10.18 16.58 -9.42
C HIS A 408 -8.86 16.69 -8.68
N GLN A 409 -7.78 16.13 -9.25
CA GLN A 409 -6.48 16.22 -8.60
C GLN A 409 -6.03 17.68 -8.46
N ARG A 410 -6.07 18.47 -9.53
CA ARG A 410 -5.58 19.84 -9.36
C ARG A 410 -6.50 20.67 -8.47
N ARG A 411 -7.81 20.46 -8.55
CA ARG A 411 -8.72 21.18 -7.66
C ARG A 411 -8.49 20.77 -6.20
N PHE A 412 -8.34 19.47 -5.94
CA PHE A 412 -8.09 19.02 -4.58
C PHE A 412 -6.78 19.57 -4.05
N ILE A 413 -5.74 19.58 -4.87
CA ILE A 413 -4.44 20.10 -4.44
C ILE A 413 -4.54 21.60 -4.10
N ARG A 414 -5.25 22.38 -4.91
CA ARG A 414 -5.52 23.77 -4.58
C ARG A 414 -6.27 23.87 -3.26
N PHE A 415 -7.34 23.07 -3.14
CA PHE A 415 -8.24 23.12 -1.98
C PHE A 415 -7.47 22.79 -0.71
N MET A 416 -6.62 21.76 -0.75
CA MET A 416 -5.88 21.41 0.46
C MET A 416 -4.95 22.53 0.93
N GLN A 417 -4.37 23.31 0.01
CA GLN A 417 -3.50 24.41 0.42
C GLN A 417 -4.29 25.57 1.02
N VAL A 418 -5.50 25.82 0.52
CA VAL A 418 -6.36 26.83 1.13
C VAL A 418 -6.73 26.42 2.55
N LEU A 419 -7.06 25.13 2.75
CA LEU A 419 -7.35 24.64 4.09
C LEU A 419 -6.15 24.84 5.01
N ALA A 420 -4.96 24.40 4.57
CA ALA A 420 -3.77 24.52 5.41
C ALA A 420 -3.46 25.96 5.77
N ALA A 421 -3.82 26.90 4.87
CA ALA A 421 -3.53 28.32 5.09
C ALA A 421 -4.45 28.95 6.14
N ASP A 422 -5.64 28.40 6.35
CA ASP A 422 -6.57 28.97 7.35
C ASP A 422 -7.41 27.81 7.89
N ALA A 423 -6.89 27.19 8.94
CA ALA A 423 -7.54 25.99 9.47
C ALA A 423 -8.83 26.32 10.22
N THR A 424 -9.10 27.61 10.46
CA THR A 424 -10.35 27.99 11.12
C THR A 424 -11.48 28.33 10.14
N GLN A 425 -11.20 28.40 8.85
CA GLN A 425 -12.24 28.85 7.92
C GLN A 425 -13.26 27.73 7.68
N PRO A 426 -14.55 28.04 7.68
CA PRO A 426 -15.54 26.99 7.37
C PRO A 426 -15.35 26.41 5.98
N ILE A 427 -15.41 25.07 5.90
CA ILE A 427 -15.30 24.37 4.61
C ILE A 427 -16.26 24.95 3.59
N ASP A 428 -17.48 25.30 4.01
CA ASP A 428 -18.44 25.82 3.05
C ASP A 428 -17.97 27.12 2.41
N SER A 429 -17.06 27.85 3.05
CA SER A 429 -16.67 29.19 2.63
C SER A 429 -15.46 29.22 1.70
N ILE A 430 -15.07 28.08 1.12
CA ILE A 430 -13.88 27.97 0.31
C ILE A 430 -14.30 27.88 -1.16
N ASP A 431 -13.66 28.68 -2.02
CA ASP A 431 -13.96 28.65 -3.44
C ASP A 431 -13.41 27.38 -4.08
N LEU A 432 -14.20 26.79 -4.97
CA LEU A 432 -13.75 25.63 -5.72
C LEU A 432 -13.80 25.90 -7.23
N LEU A 433 -13.25 24.96 -7.99
CA LEU A 433 -12.90 25.20 -9.40
C LEU A 433 -13.71 24.39 -10.39
#